data_1GCW
#
_entry.id   1GCW
#
_cell.length_a   66.700
_cell.length_b   80.450
_cell.length_c   114.830
_cell.angle_alpha   90.00
_cell.angle_beta   90.00
_cell.angle_gamma   90.00
#
_symmetry.space_group_name_H-M   'P 21 21 21'
#
loop_
_entity.id
_entity.type
_entity.pdbx_description
1 polymer 'PROTEIN (HEMOGLOBIN)'
2 polymer 'PROTEIN (HEMOGLOBIN)'
3 non-polymer 'PROTOPORPHYRIN IX CONTAINING FE'
4 non-polymer 'CARBON MONOXIDE'
5 water water
#
loop_
_entity_poly.entity_id
_entity_poly.type
_entity_poly.pdbx_seq_one_letter_code
_entity_poly.pdbx_strand_id
1 'polypeptide(L)'
;AFTACEKQTIGKIAQVLAKSPEAYGAECLARLFVTHPGSKSYFEYKDYSAAGAKVQVHGGKVIRAVVKAAEHVDDLHSHL
ETLALTHGKKLLVDPQNFPMLSECIIVTLATHLTEFSPDTHCAVDKLLSAICQELSSRYR
;
A,C
2 'polypeptide(L)'
;VHWTQEERDEISKTFQGTDMKTVVTQALDRMFKVYPWTNRYFQKRTDFRSSIHAGIVVGALQDAVKHMDDVKTLFKDLSK
KHADDLHVDPGSFHLLTDCIIVELAYLRKDCFTPHIQGIWDKFFEVVIDAISKQY
;
B,D
#
# COMPACT_ATOMS: atom_id res chain seq x y z
N ALA A 1 17.13 7.62 16.29
CA ALA A 1 16.45 6.78 15.26
C ALA A 1 16.52 5.30 15.64
N PHE A 2 17.74 4.79 15.71
CA PHE A 2 17.97 3.38 16.05
C PHE A 2 18.55 3.25 17.45
N THR A 3 18.20 2.17 18.12
CA THR A 3 18.72 1.92 19.46
C THR A 3 20.04 1.16 19.28
N ALA A 4 20.94 1.28 20.24
CA ALA A 4 22.22 0.60 20.16
C ALA A 4 22.05 -0.91 19.98
N CYS A 5 20.85 -1.42 20.26
CA CYS A 5 20.58 -2.84 20.12
C CYS A 5 20.42 -3.17 18.64
N GLU A 6 19.66 -2.34 17.94
CA GLU A 6 19.42 -2.54 16.52
C GLU A 6 20.68 -2.28 15.69
N LYS A 7 21.46 -1.27 16.08
CA LYS A 7 22.71 -0.94 15.37
C LYS A 7 23.67 -2.11 15.47
N GLN A 8 23.43 -2.95 16.47
CA GLN A 8 24.26 -4.12 16.72
C GLN A 8 23.95 -5.21 15.72
N THR A 9 22.69 -5.67 15.71
CA THR A 9 22.29 -6.72 14.77
C THR A 9 22.53 -6.24 13.35
N ILE A 10 22.15 -4.99 13.08
CA ILE A 10 22.34 -4.39 11.76
C ILE A 10 23.81 -4.46 11.35
N GLY A 11 24.72 -4.34 12.32
CA GLY A 11 26.14 -4.40 12.02
C GLY A 11 26.57 -5.78 11.58
N LYS A 12 26.21 -6.79 12.36
CA LYS A 12 26.55 -8.16 12.04
C LYS A 12 26.07 -8.51 10.63
N ILE A 13 24.80 -8.24 10.36
CA ILE A 13 24.19 -8.52 9.06
C ILE A 13 24.98 -7.89 7.93
N ALA A 14 25.38 -6.65 8.13
CA ALA A 14 26.15 -5.93 7.12
C ALA A 14 27.49 -6.60 6.88
N GLN A 15 28.12 -7.08 7.95
CA GLN A 15 29.41 -7.76 7.83
C GLN A 15 29.27 -8.99 6.94
N VAL A 16 28.14 -9.67 7.09
CA VAL A 16 27.84 -10.87 6.32
C VAL A 16 27.58 -10.49 4.88
N LEU A 17 26.64 -9.58 4.69
CA LEU A 17 26.28 -9.16 3.35
C LEU A 17 27.51 -8.68 2.57
N ALA A 18 28.46 -8.07 3.27
CA ALA A 18 29.66 -7.52 2.64
C ALA A 18 30.62 -8.54 2.06
N LYS A 19 30.59 -9.77 2.57
CA LYS A 19 31.47 -10.84 2.09
C LYS A 19 31.20 -11.23 0.62
N SER A 20 29.93 -11.24 0.22
CA SER A 20 29.55 -11.59 -1.15
C SER A 20 28.33 -10.80 -1.62
N PRO A 21 28.51 -9.49 -1.85
CA PRO A 21 27.43 -8.60 -2.30
C PRO A 21 26.75 -9.05 -3.57
N GLU A 22 27.54 -9.43 -4.56
CA GLU A 22 26.99 -9.88 -5.84
C GLU A 22 26.13 -11.10 -5.63
N ALA A 23 26.65 -12.05 -4.86
CA ALA A 23 25.95 -13.30 -4.59
C ALA A 23 24.60 -13.02 -3.95
N TYR A 24 24.58 -12.20 -2.90
CA TYR A 24 23.32 -11.88 -2.24
C TYR A 24 22.45 -11.02 -3.13
N GLY A 25 23.03 -9.95 -3.67
CA GLY A 25 22.28 -9.05 -4.53
C GLY A 25 21.59 -9.76 -5.68
N ALA A 26 22.30 -10.68 -6.32
CA ALA A 26 21.74 -11.41 -7.45
C ALA A 26 20.52 -12.21 -7.02
N GLU A 27 20.58 -12.82 -5.84
CA GLU A 27 19.45 -13.60 -5.34
C GLU A 27 18.25 -12.71 -5.04
N CYS A 28 18.49 -11.59 -4.36
CA CYS A 28 17.44 -10.64 -4.03
C CYS A 28 16.66 -10.22 -5.27
N LEU A 29 17.39 -9.80 -6.30
CA LEU A 29 16.75 -9.36 -7.55
C LEU A 29 16.07 -10.53 -8.25
N ALA A 30 16.72 -11.69 -8.27
CA ALA A 30 16.11 -12.86 -8.91
C ALA A 30 14.76 -13.11 -8.25
N ARG A 31 14.72 -13.02 -6.92
CA ARG A 31 13.48 -13.24 -6.17
C ARG A 31 12.45 -12.17 -6.53
N LEU A 32 12.92 -10.95 -6.73
CA LEU A 32 12.02 -9.85 -7.11
C LEU A 32 11.41 -10.06 -8.48
N PHE A 33 12.24 -10.47 -9.43
CA PHE A 33 11.79 -10.69 -10.81
C PHE A 33 10.81 -11.85 -11.00
N VAL A 34 10.85 -12.81 -10.07
CA VAL A 34 9.95 -13.95 -10.12
C VAL A 34 8.60 -13.61 -9.45
N THR A 35 8.64 -12.97 -8.29
CA THR A 35 7.42 -12.63 -7.57
C THR A 35 6.74 -11.33 -8.00
N HIS A 36 7.48 -10.46 -8.68
CA HIS A 36 6.94 -9.17 -9.14
C HIS A 36 7.46 -8.93 -10.57
N PRO A 37 6.96 -9.70 -11.56
CA PRO A 37 7.39 -9.56 -12.96
C PRO A 37 7.37 -8.15 -13.52
N GLY A 38 6.39 -7.35 -13.11
CA GLY A 38 6.31 -5.98 -13.60
C GLY A 38 7.60 -5.21 -13.41
N SER A 39 8.35 -5.56 -12.38
CA SER A 39 9.61 -4.89 -12.08
C SER A 39 10.71 -5.22 -13.09
N LYS A 40 10.46 -6.16 -13.98
CA LYS A 40 11.47 -6.52 -14.98
C LYS A 40 11.64 -5.41 -16.03
N SER A 41 10.59 -4.61 -16.24
CA SER A 41 10.64 -3.56 -17.25
C SER A 41 11.60 -2.41 -16.98
N TYR A 42 12.17 -2.35 -15.77
CA TYR A 42 13.10 -1.28 -15.45
C TYR A 42 14.52 -1.64 -15.84
N PHE A 43 14.73 -2.91 -16.19
CA PHE A 43 16.05 -3.38 -16.54
C PHE A 43 16.14 -3.99 -17.94
N GLU A 44 17.26 -3.75 -18.61
CA GLU A 44 17.47 -4.30 -19.94
C GLU A 44 18.35 -5.53 -19.75
N TYR A 45 17.72 -6.63 -19.32
CA TYR A 45 18.44 -7.88 -19.07
C TYR A 45 17.95 -9.00 -19.95
N LYS A 46 18.84 -9.94 -20.22
CA LYS A 46 18.54 -11.12 -21.03
C LYS A 46 18.05 -12.16 -20.04
N ASP A 47 18.94 -12.50 -19.11
CA ASP A 47 18.68 -13.47 -18.06
C ASP A 47 18.40 -12.68 -16.78
N TYR A 48 17.24 -12.96 -16.19
CA TYR A 48 16.79 -12.31 -14.96
C TYR A 48 16.93 -13.22 -13.74
N SER A 49 17.77 -14.24 -13.84
CA SER A 49 17.97 -15.15 -12.73
C SER A 49 19.25 -14.75 -12.02
N ALA A 50 19.59 -15.46 -10.95
CA ALA A 50 20.79 -15.14 -10.19
C ALA A 50 22.07 -15.49 -10.92
N ALA A 51 21.95 -16.13 -12.08
CA ALA A 51 23.12 -16.50 -12.86
C ALA A 51 23.38 -15.44 -13.92
N GLY A 52 22.37 -14.63 -14.21
CA GLY A 52 22.51 -13.56 -15.19
C GLY A 52 23.71 -12.69 -14.87
N ALA A 53 24.53 -12.42 -15.87
CA ALA A 53 25.72 -11.62 -15.66
C ALA A 53 25.42 -10.21 -15.19
N LYS A 54 24.43 -9.58 -15.81
CA LYS A 54 24.08 -8.22 -15.47
C LYS A 54 23.36 -8.16 -14.13
N VAL A 55 22.55 -9.18 -13.86
CA VAL A 55 21.81 -9.27 -12.60
C VAL A 55 22.78 -9.28 -11.41
N GLN A 56 23.90 -9.96 -11.58
CA GLN A 56 24.87 -10.07 -10.52
C GLN A 56 25.62 -8.77 -10.23
N VAL A 57 26.07 -8.09 -11.28
CA VAL A 57 26.80 -6.84 -11.08
C VAL A 57 25.89 -5.84 -10.36
N HIS A 58 24.68 -5.68 -10.86
CA HIS A 58 23.73 -4.76 -10.25
C HIS A 58 23.41 -5.18 -8.81
N GLY A 59 23.19 -6.47 -8.61
CA GLY A 59 22.90 -6.98 -7.28
C GLY A 59 23.96 -6.53 -6.32
N GLY A 60 25.21 -6.59 -6.75
CA GLY A 60 26.31 -6.17 -5.89
C GLY A 60 26.21 -4.68 -5.57
N LYS A 61 25.74 -3.89 -6.52
CA LYS A 61 25.61 -2.45 -6.30
C LYS A 61 24.53 -2.18 -5.25
N VAL A 62 23.42 -2.91 -5.35
CA VAL A 62 22.31 -2.77 -4.42
C VAL A 62 22.73 -3.11 -2.99
N ILE A 63 23.36 -4.28 -2.82
CA ILE A 63 23.79 -4.72 -1.51
C ILE A 63 24.85 -3.80 -0.90
N ARG A 64 25.78 -3.34 -1.72
CA ARG A 64 26.82 -2.44 -1.21
C ARG A 64 26.16 -1.15 -0.73
N ALA A 65 25.14 -0.73 -1.47
CA ALA A 65 24.38 0.48 -1.16
C ALA A 65 23.72 0.28 0.20
N VAL A 66 23.13 -0.90 0.40
CA VAL A 66 22.46 -1.23 1.65
C VAL A 66 23.50 -1.29 2.77
N VAL A 67 24.62 -1.94 2.51
CA VAL A 67 25.68 -2.06 3.51
C VAL A 67 26.20 -0.67 3.88
N LYS A 68 26.46 0.16 2.88
CA LYS A 68 26.96 1.51 3.15
C LYS A 68 25.93 2.27 3.97
N ALA A 69 24.67 2.10 3.61
CA ALA A 69 23.58 2.77 4.32
C ALA A 69 23.62 2.42 5.80
N ALA A 70 23.94 1.17 6.10
CA ALA A 70 24.00 0.69 7.49
C ALA A 70 25.02 1.47 8.29
N GLU A 71 26.08 1.92 7.63
CA GLU A 71 27.14 2.68 8.29
C GLU A 71 26.75 4.15 8.49
N HIS A 72 25.58 4.53 8.00
CA HIS A 72 25.13 5.90 8.14
C HIS A 72 23.70 5.99 8.68
N VAL A 73 23.30 4.98 9.44
CA VAL A 73 21.94 4.97 10.00
C VAL A 73 21.58 6.31 10.65
N ASP A 74 22.56 6.94 11.29
CA ASP A 74 22.34 8.21 11.97
C ASP A 74 21.87 9.32 11.05
N ASP A 75 22.36 9.35 9.81
CA ASP A 75 21.96 10.37 8.87
C ASP A 75 21.78 9.85 7.46
N LEU A 76 20.63 9.23 7.20
CA LEU A 76 20.33 8.65 5.89
C LEU A 76 19.79 9.66 4.89
N HIS A 77 19.12 10.71 5.38
CA HIS A 77 18.55 11.68 4.47
C HIS A 77 19.57 12.20 3.49
N SER A 78 20.62 12.80 4.04
CA SER A 78 21.68 13.35 3.22
C SER A 78 22.46 12.26 2.51
N HIS A 79 22.76 11.18 3.22
CA HIS A 79 23.51 10.08 2.61
C HIS A 79 22.90 9.54 1.32
N LEU A 80 21.59 9.34 1.33
CA LEU A 80 20.88 8.79 0.17
C LEU A 80 20.28 9.80 -0.82
N GLU A 81 20.64 11.08 -0.66
CA GLU A 81 20.10 12.11 -1.53
C GLU A 81 20.22 11.76 -3.00
N THR A 82 21.44 11.51 -3.44
CA THR A 82 21.70 11.19 -4.84
C THR A 82 20.91 9.97 -5.29
N LEU A 83 20.93 8.92 -4.47
CA LEU A 83 20.21 7.69 -4.80
C LEU A 83 18.72 7.95 -4.87
N ALA A 84 18.24 8.82 -3.99
CA ALA A 84 16.83 9.15 -3.94
C ALA A 84 16.40 9.87 -5.20
N LEU A 85 17.26 10.74 -5.70
CA LEU A 85 16.95 11.52 -6.90
C LEU A 85 17.01 10.63 -8.15
N THR A 86 17.91 9.66 -8.12
CA THR A 86 18.08 8.72 -9.21
C THR A 86 16.80 7.91 -9.38
N HIS A 87 16.31 7.34 -8.28
CA HIS A 87 15.09 6.54 -8.33
C HIS A 87 13.84 7.39 -8.51
N GLY A 88 13.80 8.52 -7.81
CA GLY A 88 12.64 9.41 -7.91
C GLY A 88 12.55 10.20 -9.21
N LYS A 89 13.46 11.13 -9.42
CA LYS A 89 13.43 11.97 -10.61
C LYS A 89 13.88 11.32 -11.92
N LYS A 90 15.05 10.67 -11.92
CA LYS A 90 15.54 10.03 -13.14
C LYS A 90 14.73 8.82 -13.60
N LEU A 91 14.88 7.71 -12.88
CA LEU A 91 14.22 6.46 -13.20
C LEU A 91 12.69 6.42 -13.09
N LEU A 92 12.12 7.27 -12.25
CA LEU A 92 10.66 7.32 -12.05
C LEU A 92 10.10 5.97 -11.58
N VAL A 93 10.84 5.30 -10.72
CA VAL A 93 10.45 4.00 -10.18
C VAL A 93 9.16 4.09 -9.36
N ASP A 94 8.15 3.30 -9.73
CA ASP A 94 6.89 3.28 -9.00
C ASP A 94 7.18 2.86 -7.55
N PRO A 95 6.77 3.68 -6.57
CA PRO A 95 7.01 3.37 -5.16
C PRO A 95 6.53 1.98 -4.74
N GLN A 96 5.48 1.50 -5.38
CA GLN A 96 4.94 0.19 -5.06
C GLN A 96 6.04 -0.88 -5.04
N ASN A 97 7.02 -0.75 -5.93
CA ASN A 97 8.10 -1.71 -6.04
C ASN A 97 9.08 -1.80 -4.88
N PHE A 98 9.23 -0.71 -4.13
CA PHE A 98 10.20 -0.73 -3.04
C PHE A 98 9.95 -1.79 -1.98
N PRO A 99 8.71 -1.86 -1.45
CA PRO A 99 8.40 -2.87 -0.42
C PRO A 99 8.62 -4.31 -0.88
N MET A 100 8.43 -4.55 -2.17
CA MET A 100 8.61 -5.89 -2.74
C MET A 100 10.08 -6.29 -2.71
N LEU A 101 10.96 -5.36 -3.06
CA LEU A 101 12.39 -5.66 -3.07
C LEU A 101 12.88 -5.85 -1.66
N SER A 102 12.33 -5.07 -0.74
CA SER A 102 12.73 -5.17 0.67
C SER A 102 12.35 -6.54 1.20
N GLU A 103 11.15 -6.99 0.88
CA GLU A 103 10.69 -8.30 1.33
C GLU A 103 11.56 -9.40 0.71
N CYS A 104 12.01 -9.18 -0.52
CA CYS A 104 12.86 -10.17 -1.16
C CYS A 104 14.23 -10.19 -0.51
N ILE A 105 14.69 -9.03 -0.05
CA ILE A 105 15.99 -8.98 0.61
C ILE A 105 15.89 -9.73 1.94
N ILE A 106 14.75 -9.60 2.61
CA ILE A 106 14.51 -10.26 3.89
C ILE A 106 14.45 -11.79 3.77
N VAL A 107 13.74 -12.29 2.76
CA VAL A 107 13.62 -13.72 2.49
C VAL A 107 14.99 -14.31 2.17
N THR A 108 15.82 -13.52 1.49
CA THR A 108 17.15 -13.95 1.12
C THR A 108 18.00 -14.11 2.38
N LEU A 109 17.78 -13.20 3.32
CA LEU A 109 18.52 -13.25 4.58
C LEU A 109 18.09 -14.47 5.39
N ALA A 110 16.77 -14.70 5.47
CA ALA A 110 16.22 -15.83 6.23
C ALA A 110 16.71 -17.18 5.69
N THR A 111 17.01 -17.18 4.40
CA THR A 111 17.48 -18.35 3.68
C THR A 111 18.96 -18.63 3.96
N HIS A 112 19.71 -17.60 4.33
CA HIS A 112 21.16 -17.75 4.57
C HIS A 112 21.70 -17.63 6.00
N LEU A 113 20.99 -16.97 6.90
CA LEU A 113 21.46 -16.81 8.29
C LEU A 113 21.02 -17.96 9.18
N THR A 114 21.91 -18.41 10.06
CA THR A 114 21.58 -19.51 10.96
C THR A 114 20.52 -19.06 11.94
N GLU A 115 20.51 -17.76 12.25
CA GLU A 115 19.54 -17.19 13.17
C GLU A 115 18.86 -15.99 12.55
N PHE A 116 17.54 -16.04 12.50
CA PHE A 116 16.74 -14.95 11.94
C PHE A 116 15.45 -14.82 12.74
N SER A 117 15.60 -14.49 14.02
CA SER A 117 14.46 -14.33 14.92
C SER A 117 13.70 -13.05 14.63
N PRO A 118 12.44 -12.96 15.08
CA PRO A 118 11.65 -11.75 14.84
C PRO A 118 12.38 -10.47 15.27
N ASP A 119 13.22 -10.58 16.30
CA ASP A 119 13.94 -9.40 16.76
C ASP A 119 14.94 -8.93 15.72
N THR A 120 15.66 -9.88 15.15
CA THR A 120 16.66 -9.60 14.12
C THR A 120 15.95 -9.07 12.87
N HIS A 121 14.82 -9.69 12.56
CA HIS A 121 14.01 -9.32 11.41
C HIS A 121 13.49 -7.90 11.58
N CYS A 122 13.18 -7.54 12.82
CA CYS A 122 12.68 -6.21 13.14
C CYS A 122 13.67 -5.11 12.76
N ALA A 123 14.89 -5.26 13.24
CA ALA A 123 15.95 -4.29 12.99
C ALA A 123 16.25 -4.17 11.50
N VAL A 124 16.28 -5.30 10.80
CA VAL A 124 16.56 -5.29 9.37
C VAL A 124 15.43 -4.58 8.65
N ASP A 125 14.20 -4.91 9.04
CA ASP A 125 13.04 -4.29 8.42
C ASP A 125 13.05 -2.80 8.72
N LYS A 126 13.57 -2.41 9.87
CA LYS A 126 13.64 -0.99 10.24
C LYS A 126 14.59 -0.27 9.29
N LEU A 127 15.76 -0.87 9.07
CA LEU A 127 16.74 -0.28 8.18
C LEU A 127 16.16 -0.23 6.76
N LEU A 128 15.72 -1.38 6.27
CA LEU A 128 15.16 -1.43 4.94
C LEU A 128 14.07 -0.38 4.78
N SER A 129 13.23 -0.24 5.81
CA SER A 129 12.14 0.74 5.75
C SER A 129 12.63 2.16 5.59
N ALA A 130 13.60 2.55 6.42
CA ALA A 130 14.15 3.89 6.37
C ALA A 130 14.75 4.13 4.98
N ILE A 131 15.55 3.18 4.52
CA ILE A 131 16.18 3.30 3.21
C ILE A 131 15.14 3.58 2.11
N CYS A 132 14.09 2.76 2.08
CA CYS A 132 13.08 2.91 1.05
C CYS A 132 12.26 4.18 1.14
N GLN A 133 12.10 4.71 2.34
CA GLN A 133 11.32 5.93 2.54
C GLN A 133 12.08 7.15 1.97
N GLU A 134 13.40 7.12 2.05
CA GLU A 134 14.22 8.20 1.51
C GLU A 134 14.25 8.07 0.00
N LEU A 135 14.24 6.84 -0.49
CA LEU A 135 14.28 6.56 -1.94
C LEU A 135 12.99 6.88 -2.65
N SER A 136 11.94 7.20 -1.90
CA SER A 136 10.67 7.51 -2.52
C SER A 136 10.21 8.88 -2.06
N SER A 137 11.16 9.69 -1.61
CA SER A 137 10.88 11.01 -1.10
C SER A 137 11.16 12.14 -2.08
N ARG A 138 11.86 11.84 -3.18
CA ARG A 138 12.21 12.88 -4.15
C ARG A 138 11.50 12.86 -5.48
N TYR A 139 10.27 12.35 -5.54
CA TYR A 139 9.52 12.31 -6.80
C TYR A 139 9.08 13.73 -7.07
N ARG A 140 8.48 14.32 -6.04
CA ARG A 140 7.97 15.69 -6.05
C ARG A 140 8.55 16.47 -4.85
N VAL B 1 -6.91 -20.10 -11.75
CA VAL B 1 -5.69 -19.29 -12.02
C VAL B 1 -4.66 -20.11 -12.80
N HIS B 2 -5.00 -21.37 -13.06
CA HIS B 2 -4.11 -22.28 -13.76
C HIS B 2 -2.97 -22.67 -12.84
N TRP B 3 -2.99 -23.92 -12.39
CA TRP B 3 -1.99 -24.43 -11.50
C TRP B 3 -1.12 -25.47 -12.18
N THR B 4 0.12 -25.11 -12.50
CA THR B 4 1.02 -26.05 -13.13
C THR B 4 1.07 -27.30 -12.24
N GLN B 5 1.17 -28.47 -12.86
CA GLN B 5 1.21 -29.71 -12.10
C GLN B 5 2.20 -29.59 -10.94
N GLU B 6 3.44 -29.25 -11.28
CA GLU B 6 4.50 -29.08 -10.29
C GLU B 6 4.06 -28.18 -9.14
N GLU B 7 3.28 -27.15 -9.46
CA GLU B 7 2.80 -26.23 -8.44
C GLU B 7 1.93 -26.96 -7.42
N ARG B 8 0.91 -27.66 -7.91
CA ARG B 8 0.01 -28.41 -7.05
C ARG B 8 0.81 -29.31 -6.11
N ASP B 9 1.74 -30.06 -6.69
CA ASP B 9 2.58 -30.98 -5.92
C ASP B 9 3.27 -30.28 -4.76
N GLU B 10 3.97 -29.19 -5.07
CA GLU B 10 4.70 -28.43 -4.09
C GLU B 10 3.89 -28.01 -2.87
N ILE B 11 2.69 -27.48 -3.10
CA ILE B 11 1.86 -27.05 -1.98
C ILE B 11 1.37 -28.24 -1.14
N SER B 12 0.64 -29.16 -1.78
CA SER B 12 0.10 -30.34 -1.12
C SER B 12 1.16 -31.20 -0.44
N LYS B 13 2.30 -31.37 -1.08
CA LYS B 13 3.38 -32.18 -0.53
C LYS B 13 3.93 -31.51 0.73
N THR B 14 3.87 -30.18 0.77
CA THR B 14 4.37 -29.43 1.91
C THR B 14 3.41 -29.53 3.10
N PHE B 15 2.12 -29.45 2.81
CA PHE B 15 1.13 -29.53 3.87
C PHE B 15 1.05 -30.94 4.45
N GLN B 16 1.67 -31.89 3.77
CA GLN B 16 1.65 -33.26 4.23
C GLN B 16 2.96 -33.64 4.93
N GLY B 17 4.08 -33.33 4.29
CA GLY B 17 5.37 -33.66 4.85
C GLY B 17 5.97 -32.68 5.84
N THR B 18 5.48 -31.45 5.85
CA THR B 18 6.01 -30.44 6.77
C THR B 18 5.07 -30.14 7.93
N ASP B 19 5.63 -29.68 9.04
CA ASP B 19 4.87 -29.34 10.23
C ASP B 19 4.39 -27.89 10.09
N MET B 20 3.27 -27.71 9.39
CA MET B 20 2.71 -26.39 9.16
C MET B 20 2.11 -25.74 10.42
N LYS B 21 1.76 -26.57 11.41
CA LYS B 21 1.18 -26.05 12.64
C LYS B 21 2.16 -25.16 13.37
N THR B 22 3.40 -25.62 13.48
CA THR B 22 4.42 -24.85 14.17
C THR B 22 5.03 -23.78 13.28
N VAL B 23 4.89 -23.95 11.96
CA VAL B 23 5.41 -22.97 11.03
C VAL B 23 4.52 -21.74 11.17
N VAL B 24 3.21 -21.97 11.11
CA VAL B 24 2.22 -20.91 11.22
C VAL B 24 2.26 -20.27 12.60
N THR B 25 2.48 -21.09 13.61
CA THR B 25 2.57 -20.60 14.98
C THR B 25 3.67 -19.54 15.03
N GLN B 26 4.86 -19.94 14.59
CA GLN B 26 6.00 -19.05 14.58
C GLN B 26 5.76 -17.83 13.69
N ALA B 27 4.95 -17.99 12.65
CA ALA B 27 4.65 -16.89 11.73
C ALA B 27 3.76 -15.85 12.43
N LEU B 28 2.81 -16.32 13.22
CA LEU B 28 1.92 -15.41 13.93
C LEU B 28 2.75 -14.63 14.95
N ASP B 29 3.69 -15.31 15.58
CA ASP B 29 4.57 -14.69 16.57
C ASP B 29 5.42 -13.62 15.91
N ARG B 30 6.00 -13.95 14.76
CA ARG B 30 6.85 -13.04 14.00
C ARG B 30 6.05 -11.79 13.64
N MET B 31 4.88 -12.02 13.08
CA MET B 31 4.00 -10.94 12.67
C MET B 31 3.69 -9.97 13.79
N PHE B 32 3.31 -10.50 14.95
CA PHE B 32 2.97 -9.68 16.11
C PHE B 32 4.10 -8.78 16.58
N LYS B 33 5.34 -9.18 16.29
CA LYS B 33 6.48 -8.38 16.71
C LYS B 33 6.93 -7.41 15.62
N VAL B 34 6.98 -7.88 14.38
CA VAL B 34 7.42 -7.06 13.26
C VAL B 34 6.39 -6.00 12.90
N TYR B 35 5.12 -6.38 12.87
CA TYR B 35 4.03 -5.47 12.56
C TYR B 35 3.13 -5.39 13.80
N PRO B 36 3.59 -4.66 14.83
CA PRO B 36 2.90 -4.47 16.10
C PRO B 36 1.41 -4.22 16.02
N TRP B 37 0.99 -3.30 15.16
CA TRP B 37 -0.42 -2.98 15.04
C TRP B 37 -1.33 -4.19 14.85
N THR B 38 -0.76 -5.34 14.51
CA THR B 38 -1.58 -6.53 14.28
C THR B 38 -2.19 -7.06 15.59
N ASN B 39 -1.50 -6.83 16.70
CA ASN B 39 -1.98 -7.28 18.01
C ASN B 39 -3.38 -6.74 18.24
N ARG B 40 -3.56 -5.45 17.96
CA ARG B 40 -4.84 -4.76 18.11
C ARG B 40 -6.02 -5.63 17.71
N TYR B 41 -5.89 -6.28 16.55
CA TYR B 41 -6.95 -7.13 16.01
C TYR B 41 -7.27 -8.36 16.85
N PHE B 42 -6.36 -8.73 17.75
CA PHE B 42 -6.56 -9.91 18.57
C PHE B 42 -6.88 -9.66 20.05
N GLN B 43 -7.43 -8.48 20.36
CA GLN B 43 -7.76 -8.18 21.74
C GLN B 43 -9.20 -8.57 22.08
N PHE B 48 -6.80 -16.37 24.10
CA PHE B 48 -6.25 -16.68 22.75
C PHE B 48 -4.74 -16.99 22.78
N ARG B 49 -4.37 -18.06 22.11
CA ARG B 49 -2.96 -18.45 22.05
C ARG B 49 -2.59 -18.68 20.59
N SER B 50 -1.41 -18.23 20.21
CA SER B 50 -0.93 -18.39 18.85
C SER B 50 -0.87 -19.86 18.48
N SER B 51 -0.25 -20.66 19.34
CA SER B 51 -0.12 -22.09 19.11
C SER B 51 -1.47 -22.73 18.80
N ILE B 52 -2.50 -22.34 19.55
CA ILE B 52 -3.84 -22.89 19.33
C ILE B 52 -4.47 -22.33 18.06
N HIS B 53 -4.34 -21.02 17.85
CA HIS B 53 -4.91 -20.38 16.66
C HIS B 53 -4.26 -20.92 15.37
N ALA B 54 -2.98 -21.26 15.44
CA ALA B 54 -2.24 -21.78 14.28
C ALA B 54 -2.96 -22.97 13.63
N GLY B 55 -3.42 -23.90 14.46
CA GLY B 55 -4.10 -25.07 13.93
C GLY B 55 -5.30 -24.67 13.11
N ILE B 56 -6.05 -23.69 13.60
CA ILE B 56 -7.24 -23.23 12.90
C ILE B 56 -6.90 -22.74 11.50
N VAL B 57 -5.91 -21.86 11.44
CA VAL B 57 -5.45 -21.26 10.19
C VAL B 57 -4.93 -22.33 9.24
N VAL B 58 -3.96 -23.13 9.70
CA VAL B 58 -3.42 -24.19 8.87
C VAL B 58 -4.57 -25.08 8.42
N GLY B 59 -5.60 -25.16 9.25
CA GLY B 59 -6.73 -25.98 8.91
C GLY B 59 -7.43 -25.39 7.71
N ALA B 60 -7.55 -24.06 7.69
CA ALA B 60 -8.22 -23.38 6.58
C ALA B 60 -7.39 -23.42 5.31
N LEU B 61 -6.08 -23.27 5.46
CA LEU B 61 -5.19 -23.30 4.32
C LEU B 61 -5.17 -24.69 3.72
N GLN B 62 -5.39 -25.68 4.58
CA GLN B 62 -5.40 -27.07 4.16
C GLN B 62 -6.61 -27.33 3.26
N ASP B 63 -7.78 -26.86 3.69
CA ASP B 63 -8.99 -27.04 2.90
C ASP B 63 -8.83 -26.31 1.58
N ALA B 64 -7.91 -25.33 1.57
CA ALA B 64 -7.63 -24.53 0.38
C ALA B 64 -6.88 -25.33 -0.67
N VAL B 65 -5.90 -26.12 -0.24
CA VAL B 65 -5.15 -26.93 -1.18
C VAL B 65 -6.07 -28.05 -1.69
N LYS B 66 -7.04 -28.42 -0.86
CA LYS B 66 -8.00 -29.46 -1.23
C LYS B 66 -8.92 -28.95 -2.32
N HIS B 67 -9.24 -27.66 -2.26
CA HIS B 67 -10.11 -27.03 -3.23
C HIS B 67 -9.36 -25.88 -3.88
N MET B 68 -8.09 -26.14 -4.19
CA MET B 68 -7.21 -25.17 -4.81
C MET B 68 -7.90 -24.45 -5.96
N ASP B 69 -8.49 -25.23 -6.87
CA ASP B 69 -9.17 -24.67 -8.03
C ASP B 69 -10.50 -23.98 -7.72
N ASP B 70 -10.72 -23.59 -6.46
CA ASP B 70 -11.97 -22.92 -6.09
C ASP B 70 -11.95 -22.41 -4.66
N VAL B 71 -10.94 -21.61 -4.34
CA VAL B 71 -10.82 -21.08 -2.99
C VAL B 71 -11.81 -19.99 -2.64
N LYS B 72 -12.07 -19.10 -3.60
CA LYS B 72 -12.98 -17.97 -3.41
C LYS B 72 -14.29 -18.34 -2.75
N THR B 73 -14.87 -19.46 -3.14
CA THR B 73 -16.15 -19.90 -2.59
C THR B 73 -15.99 -20.56 -1.22
N LEU B 74 -15.00 -21.45 -1.10
CA LEU B 74 -14.75 -22.14 0.16
C LEU B 74 -14.42 -21.16 1.28
N PHE B 75 -13.93 -19.99 0.88
CA PHE B 75 -13.55 -18.96 1.83
C PHE B 75 -14.62 -17.89 1.96
N LYS B 76 -15.77 -18.11 1.33
CA LYS B 76 -16.87 -17.16 1.38
C LYS B 76 -17.06 -16.55 2.76
N ASP B 77 -17.65 -17.31 3.66
CA ASP B 77 -17.90 -16.81 5.01
C ASP B 77 -16.61 -16.38 5.72
N LEU B 78 -15.53 -17.12 5.51
CA LEU B 78 -14.26 -16.78 6.15
C LEU B 78 -13.89 -15.31 6.01
N SER B 79 -14.14 -14.75 4.82
CA SER B 79 -13.84 -13.35 4.55
C SER B 79 -14.82 -12.44 5.27
N LYS B 80 -16.09 -12.83 5.29
CA LYS B 80 -17.14 -12.06 5.95
C LYS B 80 -16.74 -11.83 7.41
N LYS B 81 -16.20 -12.86 8.03
CA LYS B 81 -15.79 -12.76 9.43
C LYS B 81 -14.67 -11.74 9.55
N HIS B 82 -13.65 -11.88 8.71
CA HIS B 82 -12.51 -10.97 8.75
C HIS B 82 -12.87 -9.52 8.46
N ALA B 83 -13.96 -9.31 7.73
CA ALA B 83 -14.40 -7.95 7.38
C ALA B 83 -15.42 -7.34 8.35
N ASP B 84 -16.68 -7.70 8.21
CA ASP B 84 -17.74 -7.17 9.07
C ASP B 84 -17.84 -7.89 10.41
N ASP B 85 -16.71 -8.03 11.10
CA ASP B 85 -16.69 -8.71 12.40
C ASP B 85 -15.43 -8.32 13.15
N LEU B 86 -14.28 -8.59 12.53
CA LEU B 86 -13.00 -8.28 13.12
C LEU B 86 -12.41 -7.01 12.47
N HIS B 87 -13.03 -6.59 11.36
CA HIS B 87 -12.64 -5.39 10.62
C HIS B 87 -11.19 -5.34 10.12
N VAL B 88 -10.57 -6.49 9.92
CA VAL B 88 -9.19 -6.53 9.45
C VAL B 88 -9.05 -5.86 8.08
N ASP B 89 -8.07 -4.97 7.99
CA ASP B 89 -7.79 -4.23 6.76
C ASP B 89 -7.31 -5.18 5.66
N PRO B 90 -7.94 -5.13 4.48
CA PRO B 90 -7.57 -5.99 3.34
C PRO B 90 -6.10 -5.89 2.94
N GLY B 91 -5.48 -4.75 3.23
CA GLY B 91 -4.09 -4.56 2.89
C GLY B 91 -3.14 -5.05 3.97
N SER B 92 -3.69 -5.76 4.95
CA SER B 92 -2.88 -6.29 6.04
C SER B 92 -2.79 -7.82 6.00
N PHE B 93 -3.62 -8.46 5.18
CA PHE B 93 -3.63 -9.91 5.07
C PHE B 93 -2.28 -10.48 4.63
N HIS B 94 -1.60 -9.78 3.72
CA HIS B 94 -0.31 -10.23 3.24
C HIS B 94 0.74 -10.23 4.35
N LEU B 95 0.47 -9.54 5.45
CA LEU B 95 1.43 -9.49 6.52
C LEU B 95 1.63 -10.87 7.16
N LEU B 96 0.56 -11.66 7.26
CA LEU B 96 0.67 -13.00 7.84
C LEU B 96 1.33 -13.97 6.88
N THR B 97 0.79 -14.06 5.67
CA THR B 97 1.32 -14.95 4.66
C THR B 97 2.79 -14.63 4.36
N ASP B 98 3.12 -13.35 4.37
CA ASP B 98 4.50 -12.93 4.15
C ASP B 98 5.35 -13.54 5.25
N CYS B 99 4.81 -13.56 6.46
CA CYS B 99 5.53 -14.13 7.61
C CYS B 99 5.60 -15.66 7.54
N ILE B 100 4.59 -16.27 6.93
CA ILE B 100 4.58 -17.71 6.76
C ILE B 100 5.70 -18.04 5.77
N ILE B 101 5.85 -17.22 4.74
CA ILE B 101 6.89 -17.41 3.74
C ILE B 101 8.30 -17.29 4.33
N VAL B 102 8.48 -16.35 5.25
CA VAL B 102 9.79 -16.17 5.89
C VAL B 102 10.11 -17.41 6.71
N GLU B 103 9.11 -17.89 7.46
CA GLU B 103 9.32 -19.07 8.28
C GLU B 103 9.69 -20.25 7.37
N LEU B 104 9.01 -20.34 6.23
CA LEU B 104 9.28 -21.41 5.26
C LEU B 104 10.70 -21.28 4.72
N ALA B 105 11.12 -20.06 4.44
CA ALA B 105 12.45 -19.83 3.90
C ALA B 105 13.52 -20.17 4.92
N TYR B 106 13.25 -19.88 6.19
CA TYR B 106 14.21 -20.16 7.25
C TYR B 106 14.36 -21.67 7.53
N LEU B 107 13.31 -22.43 7.25
CA LEU B 107 13.33 -23.87 7.47
C LEU B 107 14.02 -24.60 6.31
N ARG B 108 13.65 -24.25 5.08
CA ARG B 108 14.20 -24.89 3.88
C ARG B 108 15.53 -24.33 3.37
N LYS B 109 15.94 -23.18 3.90
CA LYS B 109 17.18 -22.53 3.50
C LYS B 109 17.40 -22.61 1.97
N ASP B 110 18.56 -23.12 1.56
CA ASP B 110 18.87 -23.21 0.13
C ASP B 110 17.81 -23.83 -0.78
N CYS B 111 17.04 -24.79 -0.26
CA CYS B 111 16.01 -25.44 -1.09
C CYS B 111 14.90 -24.46 -1.46
N PHE B 112 14.81 -23.35 -0.74
CA PHE B 112 13.78 -22.32 -0.98
C PHE B 112 14.25 -21.33 -2.03
N THR B 113 14.37 -21.81 -3.26
CA THR B 113 14.82 -21.01 -4.39
C THR B 113 13.82 -19.96 -4.83
N PRO B 114 14.27 -18.98 -5.63
CA PRO B 114 13.39 -17.91 -6.12
C PRO B 114 12.17 -18.51 -6.80
N HIS B 115 12.41 -19.61 -7.51
CA HIS B 115 11.37 -20.33 -8.22
C HIS B 115 10.32 -20.95 -7.29
N ILE B 116 10.77 -21.60 -6.21
CA ILE B 116 9.83 -22.20 -5.26
C ILE B 116 9.10 -21.07 -4.52
N GLN B 117 9.82 -20.01 -4.17
CA GLN B 117 9.21 -18.87 -3.50
C GLN B 117 8.07 -18.36 -4.35
N GLY B 118 8.28 -18.33 -5.66
CA GLY B 118 7.25 -17.85 -6.56
C GLY B 118 5.99 -18.71 -6.52
N ILE B 119 6.15 -19.99 -6.22
CA ILE B 119 5.01 -20.90 -6.16
C ILE B 119 4.16 -20.54 -4.95
N TRP B 120 4.83 -20.36 -3.82
CA TRP B 120 4.17 -19.99 -2.59
C TRP B 120 3.59 -18.58 -2.67
N ASP B 121 4.31 -17.68 -3.33
CA ASP B 121 3.83 -16.31 -3.49
C ASP B 121 2.52 -16.36 -4.26
N LYS B 122 2.51 -17.15 -5.33
CA LYS B 122 1.32 -17.30 -6.16
C LYS B 122 0.17 -17.88 -5.35
N PHE B 123 0.47 -18.84 -4.50
CA PHE B 123 -0.55 -19.49 -3.69
C PHE B 123 -1.20 -18.53 -2.68
N PHE B 124 -0.38 -17.76 -1.98
CA PHE B 124 -0.93 -16.85 -0.99
C PHE B 124 -1.60 -15.65 -1.65
N GLU B 125 -1.22 -15.36 -2.88
CA GLU B 125 -1.82 -14.26 -3.59
C GLU B 125 -3.30 -14.61 -3.80
N VAL B 126 -3.59 -15.84 -4.20
CA VAL B 126 -4.99 -16.26 -4.42
C VAL B 126 -5.72 -16.48 -3.09
N VAL B 127 -4.99 -16.83 -2.04
CA VAL B 127 -5.60 -17.04 -0.74
C VAL B 127 -5.98 -15.67 -0.18
N ILE B 128 -5.13 -14.68 -0.47
CA ILE B 128 -5.37 -13.32 0.00
C ILE B 128 -6.55 -12.73 -0.74
N ASP B 129 -6.67 -13.05 -2.03
CA ASP B 129 -7.76 -12.55 -2.84
C ASP B 129 -9.07 -13.14 -2.34
N ALA B 130 -9.04 -14.44 -2.06
CA ALA B 130 -10.23 -15.15 -1.60
C ALA B 130 -10.74 -14.71 -0.24
N ILE B 131 -9.82 -14.48 0.69
CA ILE B 131 -10.20 -14.07 2.04
C ILE B 131 -10.46 -12.57 2.24
N SER B 132 -10.19 -11.77 1.21
CA SER B 132 -10.41 -10.34 1.31
C SER B 132 -11.53 -9.87 0.37
N LYS B 133 -12.63 -9.41 0.97
CA LYS B 133 -13.82 -8.90 0.27
C LYS B 133 -14.25 -9.64 -1.01
N ALA C 1 12.90 19.93 1.49
CA ALA C 1 11.66 19.17 1.23
C ALA C 1 10.58 20.08 0.63
N PHE C 2 10.18 21.10 1.37
CA PHE C 2 9.15 22.02 0.90
C PHE C 2 9.75 23.30 0.29
N THR C 3 9.18 23.74 -0.83
CA THR C 3 9.65 24.95 -1.50
C THR C 3 8.79 26.13 -1.06
N ALA C 4 9.36 27.34 -1.11
CA ALA C 4 8.64 28.54 -0.71
C ALA C 4 7.25 28.55 -1.33
N CYS C 5 7.20 28.27 -2.63
CA CYS C 5 5.93 28.25 -3.34
C CYS C 5 4.94 27.27 -2.71
N GLU C 6 5.44 26.14 -2.19
CA GLU C 6 4.58 25.14 -1.55
C GLU C 6 4.18 25.58 -0.15
N LYS C 7 5.13 26.14 0.58
CA LYS C 7 4.84 26.60 1.94
C LYS C 7 3.76 27.66 1.87
N GLN C 8 3.87 28.52 0.86
CA GLN C 8 2.94 29.60 0.65
C GLN C 8 1.51 29.17 0.39
N THR C 9 1.30 28.30 -0.59
CA THR C 9 -0.06 27.87 -0.88
C THR C 9 -0.56 26.96 0.24
N ILE C 10 0.35 26.31 0.94
CA ILE C 10 -0.04 25.46 2.06
C ILE C 10 -0.52 26.42 3.16
N GLY C 11 0.24 27.48 3.36
CA GLY C 11 -0.10 28.48 4.36
C GLY C 11 -1.42 29.17 4.08
N LYS C 12 -1.84 29.19 2.83
CA LYS C 12 -3.10 29.81 2.46
C LYS C 12 -4.27 28.89 2.81
N ILE C 13 -3.99 27.58 2.86
CA ILE C 13 -5.02 26.59 3.17
C ILE C 13 -5.24 26.45 4.68
N ALA C 14 -4.15 26.50 5.46
CA ALA C 14 -4.25 26.40 6.90
C ALA C 14 -5.11 27.55 7.42
N GLN C 15 -5.04 28.67 6.71
CA GLN C 15 -5.80 29.87 7.06
C GLN C 15 -7.29 29.56 6.98
N VAL C 16 -7.70 29.01 5.84
CA VAL C 16 -9.09 28.64 5.63
C VAL C 16 -9.53 27.63 6.67
N LEU C 17 -8.69 26.62 6.89
CA LEU C 17 -8.96 25.56 7.85
C LEU C 17 -9.14 26.09 9.28
N ALA C 18 -8.25 26.99 9.67
CA ALA C 18 -8.28 27.58 11.01
C ALA C 18 -9.57 28.35 11.37
N LYS C 19 -10.27 28.83 10.34
CA LYS C 19 -11.52 29.57 10.53
C LYS C 19 -12.55 28.70 11.26
N SER C 20 -12.81 27.52 10.71
CA SER C 20 -13.76 26.59 11.31
C SER C 20 -13.19 25.18 11.32
N PRO C 21 -12.24 24.92 12.24
CA PRO C 21 -11.63 23.58 12.34
C PRO C 21 -12.64 22.46 12.57
N GLU C 22 -13.68 22.75 13.33
CA GLU C 22 -14.71 21.76 13.65
C GLU C 22 -15.54 21.30 12.45
N ALA C 23 -15.96 22.27 11.64
CA ALA C 23 -16.77 21.96 10.46
C ALA C 23 -15.99 21.11 9.46
N TYR C 24 -14.77 21.54 9.14
CA TYR C 24 -13.93 20.82 8.20
C TYR C 24 -13.60 19.43 8.73
N GLY C 25 -13.09 19.38 9.97
CA GLY C 25 -12.73 18.11 10.57
C GLY C 25 -13.86 17.09 10.68
N ALA C 26 -15.06 17.55 10.97
CA ALA C 26 -16.21 16.65 11.08
C ALA C 26 -16.57 16.06 9.71
N GLU C 27 -16.31 16.81 8.65
CA GLU C 27 -16.61 16.34 7.29
C GLU C 27 -15.60 15.28 6.86
N CYS C 28 -14.34 15.49 7.20
CA CYS C 28 -13.28 14.56 6.86
C CYS C 28 -13.57 13.19 7.46
N LEU C 29 -13.68 13.14 8.79
CA LEU C 29 -13.96 11.91 9.52
C LEU C 29 -15.20 11.20 9.00
N ALA C 30 -16.27 11.98 8.77
CA ALA C 30 -17.52 11.41 8.27
C ALA C 30 -17.32 10.74 6.91
N ARG C 31 -16.54 11.37 6.05
CA ARG C 31 -16.28 10.82 4.73
C ARG C 31 -15.49 9.53 4.92
N LEU C 32 -14.55 9.56 5.84
CA LEU C 32 -13.72 8.41 6.15
C LEU C 32 -14.57 7.27 6.69
N PHE C 33 -15.51 7.60 7.57
CA PHE C 33 -16.36 6.59 8.16
C PHE C 33 -17.30 5.95 7.14
N VAL C 34 -17.80 6.74 6.20
CA VAL C 34 -18.71 6.22 5.18
C VAL C 34 -18.01 5.38 4.11
N THR C 35 -16.80 5.78 3.71
CA THR C 35 -16.06 5.06 2.67
C THR C 35 -15.27 3.86 3.18
N HIS C 36 -14.83 3.91 4.43
CA HIS C 36 -14.06 2.82 5.01
C HIS C 36 -14.56 2.48 6.41
N PRO C 37 -15.75 1.88 6.48
CA PRO C 37 -16.41 1.48 7.73
C PRO C 37 -15.47 0.91 8.79
N GLY C 38 -14.49 0.12 8.35
CA GLY C 38 -13.54 -0.47 9.28
C GLY C 38 -12.87 0.50 10.22
N SER C 39 -12.79 1.76 9.83
CA SER C 39 -12.14 2.78 10.66
C SER C 39 -12.97 3.13 11.90
N LYS C 40 -14.28 2.95 11.80
CA LYS C 40 -15.18 3.25 12.91
C LYS C 40 -14.74 2.47 14.15
N SER C 41 -14.16 1.30 13.90
CA SER C 41 -13.70 0.43 14.97
C SER C 41 -12.71 1.08 15.95
N TYR C 42 -12.23 2.27 15.65
CA TYR C 42 -11.27 2.95 16.54
C TYR C 42 -11.95 3.93 17.48
N PHE C 43 -13.17 4.35 17.11
CA PHE C 43 -13.91 5.31 17.91
C PHE C 43 -15.23 4.78 18.40
N GLU C 44 -15.47 4.89 19.69
CA GLU C 44 -16.74 4.44 20.26
C GLU C 44 -17.68 5.66 20.31
N TYR C 45 -18.35 5.92 19.19
CA TYR C 45 -19.26 7.05 19.09
C TYR C 45 -20.67 6.57 18.82
N LYS C 46 -21.64 7.36 19.29
CA LYS C 46 -23.04 7.05 19.09
C LYS C 46 -23.44 7.52 17.70
N ASP C 47 -22.88 8.66 17.29
CA ASP C 47 -23.15 9.26 16.00
C ASP C 47 -21.86 9.40 15.20
N TYR C 48 -21.84 8.76 14.03
CA TYR C 48 -20.69 8.79 13.14
C TYR C 48 -20.89 9.81 12.02
N SER C 49 -22.05 10.45 12.00
CA SER C 49 -22.34 11.45 10.98
C SER C 49 -21.61 12.73 11.36
N ALA C 50 -21.61 13.71 10.45
CA ALA C 50 -20.92 14.98 10.71
C ALA C 50 -21.61 15.74 11.84
N ALA C 51 -22.85 15.34 12.12
CA ALA C 51 -23.66 15.97 13.16
C ALA C 51 -23.25 15.45 14.54
N GLY C 52 -22.59 14.30 14.58
CA GLY C 52 -22.16 13.73 15.85
C GLY C 52 -21.39 14.75 16.66
N ALA C 53 -21.59 14.73 17.98
CA ALA C 53 -20.91 15.68 18.86
C ALA C 53 -19.42 15.34 19.05
N LYS C 54 -19.11 14.05 19.07
CA LYS C 54 -17.73 13.58 19.24
C LYS C 54 -16.95 13.72 17.94
N VAL C 55 -17.66 13.58 16.82
CA VAL C 55 -17.05 13.70 15.50
C VAL C 55 -16.56 15.14 15.32
N GLN C 56 -17.43 16.10 15.65
CA GLN C 56 -17.09 17.50 15.52
C GLN C 56 -15.92 17.85 16.42
N VAL C 57 -16.04 17.54 17.70
CA VAL C 57 -14.98 17.84 18.65
C VAL C 57 -13.65 17.24 18.21
N HIS C 58 -13.68 15.95 17.90
CA HIS C 58 -12.46 15.27 17.45
C HIS C 58 -12.00 15.86 16.13
N GLY C 59 -12.96 16.07 15.24
CA GLY C 59 -12.65 16.63 13.93
C GLY C 59 -11.87 17.93 13.98
N GLY C 60 -12.16 18.76 14.98
CA GLY C 60 -11.46 20.02 15.12
C GLY C 60 -10.06 19.79 15.63
N LYS C 61 -9.90 18.77 16.46
CA LYS C 61 -8.61 18.44 17.02
C LYS C 61 -7.68 18.01 15.88
N VAL C 62 -8.21 17.21 14.97
CA VAL C 62 -7.46 16.72 13.81
C VAL C 62 -6.98 17.88 12.94
N ILE C 63 -7.92 18.68 12.47
CA ILE C 63 -7.61 19.82 11.62
C ILE C 63 -6.71 20.83 12.31
N ARG C 64 -6.87 20.99 13.61
CA ARG C 64 -6.06 21.94 14.35
C ARG C 64 -4.59 21.48 14.38
N ALA C 65 -4.39 20.16 14.36
CA ALA C 65 -3.04 19.59 14.36
C ALA C 65 -2.44 19.70 12.96
N VAL C 66 -3.27 19.51 11.95
CA VAL C 66 -2.82 19.60 10.56
C VAL C 66 -2.40 21.05 10.31
N VAL C 67 -3.12 21.99 10.91
CA VAL C 67 -2.83 23.41 10.79
C VAL C 67 -1.56 23.76 11.56
N LYS C 68 -1.42 23.20 12.76
CA LYS C 68 -0.24 23.44 13.58
C LYS C 68 0.96 22.84 12.87
N ALA C 69 0.73 21.71 12.20
CA ALA C 69 1.76 20.99 11.47
C ALA C 69 2.30 21.85 10.33
N ALA C 70 1.42 22.56 9.64
CA ALA C 70 1.82 23.41 8.53
C ALA C 70 2.82 24.47 8.97
N GLU C 71 2.71 24.93 10.22
CA GLU C 71 3.63 25.95 10.73
C GLU C 71 4.98 25.38 11.15
N HIS C 72 5.13 24.07 11.08
CA HIS C 72 6.38 23.42 11.47
C HIS C 72 6.91 22.44 10.43
N VAL C 73 6.67 22.71 9.15
CA VAL C 73 7.13 21.82 8.09
C VAL C 73 8.64 21.55 8.16
N ASP C 74 9.39 22.49 8.72
CA ASP C 74 10.84 22.35 8.84
C ASP C 74 11.29 21.40 9.94
N ASP C 75 10.38 21.06 10.86
CA ASP C 75 10.70 20.14 11.97
C ASP C 75 9.51 19.26 12.37
N LEU C 76 8.90 18.62 11.37
CA LEU C 76 7.74 17.74 11.59
C LEU C 76 8.04 16.56 12.50
N HIS C 77 9.22 15.96 12.34
CA HIS C 77 9.60 14.79 13.13
C HIS C 77 9.55 15.03 14.62
N SER C 78 10.15 16.13 15.07
CA SER C 78 10.18 16.45 16.48
C SER C 78 8.84 17.02 16.94
N HIS C 79 8.15 17.69 16.02
CA HIS C 79 6.87 18.30 16.34
C HIS C 79 5.76 17.27 16.55
N LEU C 80 5.75 16.23 15.74
CA LEU C 80 4.72 15.20 15.85
C LEU C 80 5.10 14.01 16.73
N GLU C 81 6.23 14.12 17.42
CA GLU C 81 6.71 13.04 18.28
C GLU C 81 5.67 12.42 19.21
N THR C 82 4.95 13.25 19.97
CA THR C 82 3.94 12.73 20.90
C THR C 82 2.72 12.19 20.19
N LEU C 83 2.28 12.91 19.16
CA LEU C 83 1.11 12.50 18.40
C LEU C 83 1.34 11.14 17.75
N ALA C 84 2.58 10.87 17.36
CA ALA C 84 2.94 9.60 16.72
C ALA C 84 2.99 8.45 17.73
N LEU C 85 3.50 8.72 18.93
CA LEU C 85 3.59 7.73 19.99
C LEU C 85 2.18 7.34 20.44
N THR C 86 1.25 8.26 20.24
CA THR C 86 -0.13 8.05 20.61
C THR C 86 -0.82 7.14 19.59
N HIS C 87 -0.70 7.47 18.31
CA HIS C 87 -1.32 6.66 17.26
C HIS C 87 -0.59 5.34 17.03
N GLY C 88 0.70 5.34 17.35
CA GLY C 88 1.48 4.14 17.16
C GLY C 88 1.43 3.20 18.35
N LYS C 89 2.42 3.34 19.22
CA LYS C 89 2.55 2.50 20.42
C LYS C 89 1.28 2.43 21.28
N LYS C 90 0.54 3.54 21.34
CA LYS C 90 -0.65 3.60 22.19
C LYS C 90 -1.92 3.01 21.60
N LEU C 91 -2.40 3.58 20.51
CA LEU C 91 -3.63 3.13 19.88
C LEU C 91 -3.49 1.98 18.89
N LEU C 92 -2.26 1.68 18.49
CA LEU C 92 -1.99 0.61 17.54
C LEU C 92 -2.81 0.74 16.25
N VAL C 93 -2.86 1.95 15.70
CA VAL C 93 -3.61 2.20 14.47
C VAL C 93 -2.95 1.54 13.27
N ASP C 94 -3.72 0.74 12.52
CA ASP C 94 -3.18 0.08 11.35
C ASP C 94 -2.73 1.19 10.40
N PRO C 95 -1.44 1.23 10.04
CA PRO C 95 -0.94 2.29 9.16
C PRO C 95 -1.74 2.44 7.88
N GLN C 96 -2.51 1.41 7.53
CA GLN C 96 -3.31 1.45 6.33
C GLN C 96 -4.45 2.49 6.38
N ASN C 97 -4.81 2.93 7.58
CA ASN C 97 -5.89 3.89 7.72
C ASN C 97 -5.50 5.32 7.43
N PHE C 98 -4.21 5.63 7.53
CA PHE C 98 -3.74 6.98 7.31
C PHE C 98 -4.04 7.52 5.91
N PRO C 99 -3.50 6.89 4.85
CA PRO C 99 -3.80 7.42 3.52
C PRO C 99 -5.30 7.58 3.27
N MET C 100 -6.10 6.75 3.92
CA MET C 100 -7.54 6.84 3.74
C MET C 100 -8.08 8.16 4.30
N LEU C 101 -7.56 8.59 5.45
CA LEU C 101 -8.02 9.85 6.02
C LEU C 101 -7.51 10.98 5.13
N SER C 102 -6.27 10.87 4.67
CA SER C 102 -5.67 11.88 3.79
C SER C 102 -6.54 12.20 2.58
N GLU C 103 -6.95 11.18 1.85
CA GLU C 103 -7.79 11.39 0.68
C GLU C 103 -9.10 12.06 1.06
N CYS C 104 -9.62 11.70 2.23
CA CYS C 104 -10.87 12.28 2.68
C CYS C 104 -10.67 13.77 2.98
N ILE C 105 -9.51 14.11 3.53
CA ILE C 105 -9.20 15.50 3.80
C ILE C 105 -9.01 16.20 2.46
N ILE C 106 -8.40 15.50 1.51
CA ILE C 106 -8.17 16.06 0.19
C ILE C 106 -9.49 16.29 -0.53
N VAL C 107 -10.39 15.31 -0.48
CA VAL C 107 -11.69 15.40 -1.13
C VAL C 107 -12.52 16.52 -0.52
N THR C 108 -12.41 16.68 0.79
CA THR C 108 -13.15 17.72 1.50
C THR C 108 -12.69 19.09 0.99
N LEU C 109 -11.38 19.26 0.84
CA LEU C 109 -10.85 20.52 0.35
C LEU C 109 -11.29 20.80 -1.09
N ALA C 110 -11.38 19.76 -1.90
CA ALA C 110 -11.79 19.93 -3.29
C ALA C 110 -13.26 20.37 -3.35
N THR C 111 -13.93 20.28 -2.22
CA THR C 111 -15.34 20.66 -2.12
C THR C 111 -15.57 22.10 -1.65
N HIS C 112 -14.70 22.62 -0.79
CA HIS C 112 -14.85 23.98 -0.28
C HIS C 112 -13.94 25.01 -0.96
N LEU C 113 -12.72 24.62 -1.27
CA LEU C 113 -11.78 25.53 -1.91
C LEU C 113 -12.28 25.99 -3.28
N THR C 114 -12.13 27.28 -3.54
CA THR C 114 -12.55 27.86 -4.81
C THR C 114 -11.68 27.30 -5.90
N GLU C 115 -10.40 27.10 -5.58
CA GLU C 115 -9.45 26.55 -6.53
C GLU C 115 -8.63 25.43 -5.89
N PHE C 116 -8.58 24.31 -6.59
CA PHE C 116 -7.83 23.14 -6.13
C PHE C 116 -7.14 22.52 -7.34
N SER C 117 -6.23 23.29 -7.94
CA SER C 117 -5.50 22.83 -9.11
C SER C 117 -4.47 21.76 -8.76
N PRO C 118 -4.00 20.99 -9.77
CA PRO C 118 -3.01 19.94 -9.56
C PRO C 118 -1.83 20.40 -8.71
N ASP C 119 -1.47 21.67 -8.87
CA ASP C 119 -0.36 22.25 -8.13
C ASP C 119 -0.64 22.32 -6.64
N THR C 120 -1.84 22.79 -6.28
CA THR C 120 -2.23 22.92 -4.87
C THR C 120 -2.42 21.54 -4.27
N HIS C 121 -3.13 20.69 -5.01
CA HIS C 121 -3.40 19.32 -4.60
C HIS C 121 -2.07 18.69 -4.20
N CYS C 122 -1.11 18.78 -5.11
CA CYS C 122 0.22 18.25 -4.91
C CYS C 122 0.90 18.75 -3.62
N ALA C 123 0.71 20.03 -3.30
CA ALA C 123 1.31 20.61 -2.11
C ALA C 123 0.66 20.11 -0.82
N VAL C 124 -0.66 20.03 -0.82
CA VAL C 124 -1.38 19.56 0.36
C VAL C 124 -1.03 18.09 0.57
N ASP C 125 -1.06 17.33 -0.52
CA ASP C 125 -0.77 15.90 -0.47
C ASP C 125 0.59 15.65 0.15
N LYS C 126 1.54 16.51 -0.19
CA LYS C 126 2.89 16.39 0.32
C LYS C 126 2.90 16.63 1.84
N LEU C 127 2.08 17.57 2.29
CA LEU C 127 2.00 17.89 3.71
C LEU C 127 1.39 16.69 4.43
N LEU C 128 0.23 16.27 3.97
CA LEU C 128 -0.45 15.14 4.57
C LEU C 128 0.40 13.87 4.57
N SER C 129 0.97 13.53 3.41
CA SER C 129 1.78 12.32 3.35
C SER C 129 2.95 12.44 4.32
N ALA C 130 3.47 13.65 4.51
CA ALA C 130 4.59 13.86 5.43
C ALA C 130 4.13 13.66 6.88
N ILE C 131 2.94 14.16 7.20
CA ILE C 131 2.40 14.01 8.55
C ILE C 131 2.18 12.53 8.85
N CYS C 132 1.53 11.83 7.92
CA CYS C 132 1.24 10.41 8.07
C CYS C 132 2.49 9.55 8.24
N GLN C 133 3.55 9.89 7.51
CA GLN C 133 4.79 9.16 7.59
C GLN C 133 5.32 9.22 9.02
N GLU C 134 5.00 10.30 9.72
CA GLU C 134 5.44 10.48 11.10
C GLU C 134 4.55 9.71 12.06
N LEU C 135 3.24 9.80 11.85
CA LEU C 135 2.28 9.11 12.70
C LEU C 135 2.35 7.60 12.65
N SER C 136 2.92 7.07 11.58
CA SER C 136 3.05 5.62 11.43
C SER C 136 4.49 5.19 11.60
N SER C 137 5.25 5.94 12.39
CA SER C 137 6.64 5.62 12.59
C SER C 137 7.08 5.36 14.03
N ARG C 138 6.12 5.10 14.91
CA ARG C 138 6.48 4.84 16.30
C ARG C 138 5.59 3.79 16.96
N TYR C 139 5.67 2.55 16.47
CA TYR C 139 4.86 1.48 17.03
C TYR C 139 5.62 0.74 18.13
N ARG C 140 6.69 1.35 18.63
CA ARG C 140 7.51 0.77 19.69
C ARG C 140 8.59 1.78 20.12
N VAL D 1 -21.77 -8.46 -7.48
CA VAL D 1 -21.94 -7.24 -6.64
C VAL D 1 -23.36 -6.70 -6.76
N HIS D 2 -23.91 -6.24 -5.64
CA HIS D 2 -25.27 -5.71 -5.63
C HIS D 2 -25.27 -4.24 -6.02
N TRP D 3 -26.32 -3.82 -6.70
CA TRP D 3 -26.44 -2.43 -7.14
C TRP D 3 -27.82 -1.87 -6.80
N THR D 4 -27.85 -0.79 -6.02
CA THR D 4 -29.11 -0.15 -5.64
C THR D 4 -29.60 0.68 -6.83
N GLN D 5 -30.89 0.97 -6.87
CA GLN D 5 -31.43 1.77 -7.96
C GLN D 5 -30.91 3.19 -7.82
N GLU D 6 -30.55 3.53 -6.59
CA GLU D 6 -30.03 4.86 -6.29
C GLU D 6 -28.59 4.98 -6.78
N GLU D 7 -27.77 3.95 -6.51
CA GLU D 7 -26.38 3.94 -6.93
C GLU D 7 -26.30 3.78 -8.45
N ARG D 8 -27.31 3.13 -9.02
CA ARG D 8 -27.36 2.92 -10.46
C ARG D 8 -27.74 4.23 -11.15
N ASP D 9 -28.62 5.00 -10.50
CA ASP D 9 -29.08 6.28 -11.04
C ASP D 9 -28.02 7.36 -10.97
N GLU D 10 -27.37 7.48 -9.82
CA GLU D 10 -26.34 8.50 -9.62
C GLU D 10 -25.24 8.35 -10.66
N ILE D 11 -24.74 7.14 -10.83
CA ILE D 11 -23.68 6.89 -11.79
C ILE D 11 -24.19 7.04 -13.23
N SER D 12 -25.38 6.54 -13.49
CA SER D 12 -25.97 6.62 -14.82
C SER D 12 -26.14 8.07 -15.27
N LYS D 13 -26.67 8.90 -14.37
CA LYS D 13 -26.92 10.32 -14.66
C LYS D 13 -25.65 11.12 -14.96
N THR D 14 -24.61 10.89 -14.17
CA THR D 14 -23.33 11.59 -14.34
C THR D 14 -22.72 11.40 -15.73
N PHE D 15 -22.73 10.17 -16.22
CA PHE D 15 -22.17 9.87 -17.53
C PHE D 15 -23.07 10.35 -18.65
N GLN D 16 -24.27 10.80 -18.30
CA GLN D 16 -25.24 11.26 -19.29
C GLN D 16 -25.37 12.78 -19.41
N GLY D 17 -25.16 13.50 -18.31
CA GLY D 17 -25.28 14.95 -18.35
C GLY D 17 -24.03 15.74 -18.02
N THR D 18 -22.97 15.05 -17.63
CA THR D 18 -21.72 15.73 -17.30
C THR D 18 -20.63 15.36 -18.30
N ASP D 19 -19.79 16.33 -18.64
CA ASP D 19 -18.72 16.08 -19.58
C ASP D 19 -17.60 15.27 -18.92
N MET D 20 -17.77 13.96 -18.87
CA MET D 20 -16.77 13.09 -18.26
C MET D 20 -15.45 13.17 -19.01
N LYS D 21 -15.53 13.42 -20.31
CA LYS D 21 -14.33 13.54 -21.13
C LYS D 21 -13.42 14.59 -20.48
N THR D 22 -14.00 15.72 -20.10
CA THR D 22 -13.24 16.78 -19.47
C THR D 22 -12.77 16.37 -18.09
N VAL D 23 -13.65 15.70 -17.36
CA VAL D 23 -13.33 15.26 -16.02
C VAL D 23 -12.11 14.34 -16.05
N VAL D 24 -12.14 13.32 -16.91
CA VAL D 24 -11.05 12.37 -17.00
C VAL D 24 -9.75 12.99 -17.51
N THR D 25 -9.88 13.95 -18.43
CA THR D 25 -8.71 14.63 -18.98
C THR D 25 -7.98 15.36 -17.86
N GLN D 26 -8.74 16.10 -17.07
CA GLN D 26 -8.16 16.85 -15.96
C GLN D 26 -7.73 15.92 -14.84
N ALA D 27 -8.35 14.75 -14.77
CA ALA D 27 -8.00 13.76 -13.76
C ALA D 27 -6.63 13.18 -14.11
N LEU D 28 -6.39 12.95 -15.39
CA LEU D 28 -5.12 12.41 -15.87
C LEU D 28 -3.98 13.38 -15.65
N ASP D 29 -4.18 14.63 -16.06
CA ASP D 29 -3.17 15.65 -15.90
C ASP D 29 -2.89 15.86 -14.42
N ARG D 30 -3.93 15.69 -13.60
CA ARG D 30 -3.78 15.82 -12.15
C ARG D 30 -2.88 14.68 -11.63
N MET D 31 -3.18 13.45 -12.07
CA MET D 31 -2.41 12.27 -11.68
C MET D 31 -0.95 12.43 -12.06
N PHE D 32 -0.71 12.89 -13.29
CA PHE D 32 0.65 13.09 -13.76
C PHE D 32 1.39 14.11 -12.90
N LYS D 33 0.64 15.06 -12.35
CA LYS D 33 1.26 16.10 -11.53
C LYS D 33 1.43 15.69 -10.05
N VAL D 34 0.42 15.04 -9.48
CA VAL D 34 0.49 14.63 -8.08
C VAL D 34 1.32 13.36 -7.86
N TYR D 35 1.20 12.41 -8.78
CA TYR D 35 1.94 11.15 -8.69
C TYR D 35 2.82 11.07 -9.93
N PRO D 36 3.97 11.77 -9.90
CA PRO D 36 4.92 11.82 -11.01
C PRO D 36 5.30 10.50 -11.68
N TRP D 37 5.52 9.46 -10.88
CA TRP D 37 5.93 8.17 -11.43
C TRP D 37 4.99 7.58 -12.46
N THR D 38 3.71 7.98 -12.45
CA THR D 38 2.76 7.43 -13.39
C THR D 38 3.07 7.86 -14.83
N ASN D 39 3.97 8.82 -14.97
CA ASN D 39 4.33 9.31 -16.29
C ASN D 39 5.14 8.27 -17.04
N ARG D 40 6.01 7.56 -16.33
CA ARG D 40 6.84 6.54 -16.98
C ARG D 40 6.03 5.55 -17.79
N TYR D 41 4.81 5.28 -17.35
CA TYR D 41 3.97 4.31 -18.06
C TYR D 41 3.55 4.80 -19.43
N PHE D 42 3.57 6.12 -19.63
CA PHE D 42 3.16 6.69 -20.91
C PHE D 42 4.31 7.32 -21.71
N GLN D 43 5.44 6.64 -21.83
CA GLN D 43 6.56 7.22 -22.58
C GLN D 43 6.96 6.41 -23.82
N PHE D 48 1.34 11.28 -27.58
CA PHE D 48 0.31 10.96 -26.55
C PHE D 48 -0.29 12.21 -25.92
N ARG D 49 -1.62 12.26 -25.86
CA ARG D 49 -2.31 13.40 -25.28
C ARG D 49 -3.46 12.92 -24.38
N SER D 50 -3.46 13.36 -23.13
CA SER D 50 -4.50 12.98 -22.19
C SER D 50 -5.84 13.45 -22.72
N SER D 51 -5.82 14.54 -23.49
CA SER D 51 -7.03 15.10 -24.08
C SER D 51 -7.71 14.03 -24.92
N ILE D 52 -6.93 13.34 -25.73
CA ILE D 52 -7.45 12.29 -26.60
C ILE D 52 -7.57 10.95 -25.89
N HIS D 53 -6.65 10.70 -24.96
CA HIS D 53 -6.66 9.46 -24.21
C HIS D 53 -7.88 9.36 -23.30
N ALA D 54 -8.25 10.49 -22.68
CA ALA D 54 -9.39 10.54 -21.80
C ALA D 54 -10.59 9.88 -22.47
N GLY D 55 -10.79 10.21 -23.75
CA GLY D 55 -11.90 9.65 -24.50
C GLY D 55 -11.97 8.14 -24.47
N ILE D 56 -10.84 7.47 -24.68
CA ILE D 56 -10.83 6.01 -24.68
C ILE D 56 -11.16 5.45 -23.30
N VAL D 57 -10.64 6.11 -22.27
CA VAL D 57 -10.89 5.68 -20.89
C VAL D 57 -12.37 5.88 -20.55
N VAL D 58 -12.92 7.03 -20.92
CA VAL D 58 -14.32 7.31 -20.67
C VAL D 58 -15.13 6.31 -21.48
N GLY D 59 -14.60 5.91 -22.63
CA GLY D 59 -15.29 4.95 -23.47
C GLY D 59 -15.44 3.63 -22.74
N ALA D 60 -14.39 3.24 -22.02
CA ALA D 60 -14.39 1.99 -21.27
C ALA D 60 -15.26 2.08 -20.02
N LEU D 61 -15.22 3.24 -19.37
CA LEU D 61 -16.01 3.45 -18.16
C LEU D 61 -17.50 3.52 -18.49
N GLN D 62 -17.83 4.13 -19.62
CA GLN D 62 -19.22 4.25 -20.04
C GLN D 62 -19.72 2.83 -20.31
N ASP D 63 -18.80 1.99 -20.78
CA ASP D 63 -19.11 0.60 -21.06
C ASP D 63 -19.45 -0.12 -19.77
N ALA D 64 -18.60 0.07 -18.76
CA ALA D 64 -18.79 -0.55 -17.45
C ALA D 64 -20.10 -0.08 -16.82
N VAL D 65 -20.56 1.10 -17.23
CA VAL D 65 -21.81 1.63 -16.71
C VAL D 65 -22.95 0.85 -17.33
N LYS D 66 -22.88 0.66 -18.65
CA LYS D 66 -23.89 -0.09 -19.40
C LYS D 66 -23.94 -1.57 -19.02
N HIS D 67 -22.93 -2.03 -18.27
CA HIS D 67 -22.86 -3.41 -17.85
C HIS D 67 -22.33 -3.50 -16.42
N MET D 68 -22.79 -2.58 -15.59
CA MET D 68 -22.39 -2.47 -14.18
C MET D 68 -22.29 -3.81 -13.41
N ASP D 69 -23.23 -4.71 -13.69
CA ASP D 69 -23.28 -6.00 -12.99
C ASP D 69 -22.03 -6.88 -13.13
N ASP D 70 -21.43 -6.91 -14.31
CA ASP D 70 -20.24 -7.73 -14.51
C ASP D 70 -19.13 -7.04 -15.32
N VAL D 71 -18.45 -6.11 -14.66
CA VAL D 71 -17.35 -5.40 -15.30
C VAL D 71 -16.18 -6.37 -15.38
N LYS D 72 -16.08 -7.24 -14.38
CA LYS D 72 -15.01 -8.22 -14.29
C LYS D 72 -14.76 -8.96 -15.58
N THR D 73 -15.83 -9.42 -16.21
CA THR D 73 -15.72 -10.16 -17.46
C THR D 73 -15.61 -9.20 -18.63
N LEU D 74 -16.16 -8.01 -18.45
CA LEU D 74 -16.13 -6.98 -19.48
C LEU D 74 -14.73 -6.38 -19.63
N PHE D 75 -13.94 -6.44 -18.56
CA PHE D 75 -12.59 -5.88 -18.56
C PHE D 75 -11.48 -6.92 -18.60
N LYS D 76 -11.81 -8.17 -18.89
CA LYS D 76 -10.80 -9.21 -18.94
C LYS D 76 -9.65 -8.89 -19.90
N ASP D 77 -9.97 -8.20 -20.99
CA ASP D 77 -8.96 -7.85 -21.98
C ASP D 77 -8.16 -6.62 -21.57
N LEU D 78 -8.78 -5.74 -20.79
CA LEU D 78 -8.14 -4.52 -20.31
C LEU D 78 -7.13 -4.88 -19.24
N SER D 79 -7.50 -5.82 -18.37
CA SER D 79 -6.62 -6.25 -17.30
C SER D 79 -5.32 -6.76 -17.88
N LYS D 80 -5.42 -7.79 -18.71
CA LYS D 80 -4.25 -8.40 -19.34
C LYS D 80 -3.39 -7.31 -19.98
N LYS D 81 -4.02 -6.38 -20.68
CA LYS D 81 -3.30 -5.30 -21.33
C LYS D 81 -2.47 -4.52 -20.33
N HIS D 82 -3.13 -4.00 -19.29
CA HIS D 82 -2.45 -3.22 -18.27
C HIS D 82 -1.47 -4.09 -17.47
N ALA D 83 -1.83 -5.36 -17.28
CA ALA D 83 -0.99 -6.28 -16.53
C ALA D 83 0.26 -6.74 -17.30
N ASP D 84 0.04 -7.43 -18.42
CA ASP D 84 1.14 -7.96 -19.22
C ASP D 84 1.80 -7.01 -20.20
N ASP D 85 1.02 -6.18 -20.88
CA ASP D 85 1.61 -5.26 -21.86
C ASP D 85 2.13 -3.94 -21.29
N LEU D 86 1.36 -3.33 -20.39
CA LEU D 86 1.74 -2.05 -19.80
C LEU D 86 2.59 -2.19 -18.54
N HIS D 87 2.38 -3.29 -17.83
CA HIS D 87 3.11 -3.56 -16.60
C HIS D 87 2.75 -2.56 -15.53
N VAL D 88 1.46 -2.25 -15.42
CA VAL D 88 1.00 -1.30 -14.42
C VAL D 88 0.81 -2.02 -13.10
N ASP D 89 1.54 -1.57 -12.09
CA ASP D 89 1.44 -2.16 -10.78
C ASP D 89 -0.02 -2.10 -10.38
N PRO D 90 -0.60 -3.23 -9.97
CA PRO D 90 -2.01 -3.28 -9.56
C PRO D 90 -2.32 -2.33 -8.42
N GLY D 91 -1.27 -1.80 -7.80
CA GLY D 91 -1.45 -0.89 -6.68
C GLY D 91 -1.54 0.56 -7.09
N SER D 92 -1.35 0.84 -8.38
CA SER D 92 -1.40 2.22 -8.85
C SER D 92 -2.69 2.61 -9.55
N PHE D 93 -3.59 1.65 -9.81
CA PHE D 93 -4.84 1.93 -10.50
C PHE D 93 -5.72 2.95 -9.79
N HIS D 94 -5.74 2.89 -8.45
CA HIS D 94 -6.56 3.81 -7.69
C HIS D 94 -6.05 5.25 -7.77
N LEU D 95 -4.81 5.43 -8.20
CA LEU D 95 -4.27 6.77 -8.32
C LEU D 95 -5.07 7.56 -9.36
N LEU D 96 -5.47 6.87 -10.43
CA LEU D 96 -6.24 7.53 -11.47
C LEU D 96 -7.68 7.78 -11.01
N THR D 97 -8.32 6.75 -10.44
CA THR D 97 -9.69 6.89 -9.99
C THR D 97 -9.85 7.89 -8.86
N ASP D 98 -8.87 7.97 -7.97
CA ASP D 98 -8.94 8.93 -6.87
C ASP D 98 -8.98 10.34 -7.43
N CYS D 99 -8.21 10.56 -8.49
CA CYS D 99 -8.14 11.85 -9.14
C CYS D 99 -9.47 12.20 -9.82
N ILE D 100 -10.12 11.20 -10.39
CA ILE D 100 -11.42 11.41 -11.03
C ILE D 100 -12.42 11.80 -9.95
N ILE D 101 -12.26 11.23 -8.76
CA ILE D 101 -13.17 11.54 -7.65
C ILE D 101 -12.92 12.98 -7.23
N VAL D 102 -11.65 13.37 -7.13
CA VAL D 102 -11.31 14.73 -6.74
C VAL D 102 -11.85 15.72 -7.76
N GLU D 103 -11.81 15.34 -9.03
CA GLU D 103 -12.31 16.21 -10.09
C GLU D 103 -13.83 16.38 -9.96
N LEU D 104 -14.51 15.28 -9.64
CA LEU D 104 -15.95 15.29 -9.46
C LEU D 104 -16.29 16.09 -8.20
N ALA D 105 -15.52 15.86 -7.14
CA ALA D 105 -15.72 16.56 -5.88
C ALA D 105 -15.55 18.03 -6.11
N TYR D 106 -14.70 18.38 -7.07
CA TYR D 106 -14.47 19.78 -7.37
C TYR D 106 -15.64 20.35 -8.16
N LEU D 107 -16.15 19.55 -9.08
CA LEU D 107 -17.27 19.98 -9.90
C LEU D 107 -18.50 20.25 -9.03
N ARG D 108 -19.11 19.18 -8.53
CA ARG D 108 -20.31 19.27 -7.70
C ARG D 108 -20.21 20.04 -6.38
N LYS D 109 -19.01 20.47 -5.99
CA LYS D 109 -18.82 21.21 -4.75
C LYS D 109 -19.57 20.56 -3.57
N ASP D 110 -20.35 21.33 -2.80
CA ASP D 110 -21.06 20.75 -1.65
C ASP D 110 -22.15 19.72 -1.98
N CYS D 111 -22.49 19.58 -3.25
CA CYS D 111 -23.49 18.60 -3.67
C CYS D 111 -22.84 17.23 -3.70
N PHE D 112 -21.56 17.18 -3.29
CA PHE D 112 -20.78 15.94 -3.25
C PHE D 112 -20.62 15.50 -1.79
N THR D 113 -21.72 15.14 -1.16
CA THR D 113 -21.74 14.70 0.23
C THR D 113 -21.00 13.38 0.44
N PRO D 114 -20.69 13.03 1.70
CA PRO D 114 -20.00 11.76 1.95
C PRO D 114 -20.76 10.60 1.34
N HIS D 115 -22.08 10.73 1.34
CA HIS D 115 -22.95 9.70 0.79
C HIS D 115 -22.66 9.47 -0.69
N ILE D 116 -22.71 10.55 -1.47
CA ILE D 116 -22.47 10.49 -2.91
C ILE D 116 -21.07 9.93 -3.18
N GLN D 117 -20.10 10.38 -2.39
CA GLN D 117 -18.72 9.92 -2.55
C GLN D 117 -18.67 8.41 -2.37
N GLY D 118 -19.38 7.93 -1.36
CA GLY D 118 -19.42 6.50 -1.08
C GLY D 118 -19.88 5.70 -2.29
N ILE D 119 -20.79 6.28 -3.06
CA ILE D 119 -21.31 5.60 -4.24
C ILE D 119 -20.22 5.44 -5.29
N TRP D 120 -19.56 6.55 -5.60
CA TRP D 120 -18.50 6.56 -6.59
C TRP D 120 -17.32 5.72 -6.16
N ASP D 121 -17.01 5.77 -4.86
CA ASP D 121 -15.92 4.98 -4.30
C ASP D 121 -16.21 3.51 -4.54
N LYS D 122 -17.49 3.15 -4.45
CA LYS D 122 -17.94 1.78 -4.66
C LYS D 122 -17.77 1.42 -6.12
N PHE D 123 -18.29 2.30 -6.98
CA PHE D 123 -18.20 2.09 -8.42
C PHE D 123 -16.77 1.83 -8.83
N PHE D 124 -15.88 2.72 -8.42
CA PHE D 124 -14.47 2.61 -8.77
C PHE D 124 -13.75 1.47 -8.09
N GLU D 125 -14.14 1.15 -6.85
CA GLU D 125 -13.52 0.05 -6.15
C GLU D 125 -13.81 -1.22 -6.93
N VAL D 126 -14.94 -1.22 -7.63
CA VAL D 126 -15.36 -2.35 -8.44
C VAL D 126 -14.61 -2.36 -9.77
N VAL D 127 -14.44 -1.17 -10.33
CA VAL D 127 -13.75 -1.01 -11.60
C VAL D 127 -12.27 -1.36 -11.45
N ILE D 128 -11.74 -1.15 -10.25
CA ILE D 128 -10.34 -1.46 -9.98
C ILE D 128 -10.16 -2.98 -9.92
N ASP D 129 -11.12 -3.66 -9.31
CA ASP D 129 -11.11 -5.11 -9.19
C ASP D 129 -11.13 -5.72 -10.60
N ALA D 130 -12.02 -5.21 -11.45
CA ALA D 130 -12.16 -5.69 -12.81
C ALA D 130 -10.98 -5.34 -13.70
N ILE D 131 -10.02 -4.58 -13.19
CA ILE D 131 -8.86 -4.21 -13.99
C ILE D 131 -7.55 -4.74 -13.44
N SER D 132 -7.54 -5.08 -12.15
CA SER D 132 -6.34 -5.62 -11.52
C SER D 132 -6.46 -7.14 -11.60
N LYS D 133 -5.57 -7.75 -12.37
CA LYS D 133 -5.57 -9.21 -12.57
C LYS D 133 -5.87 -10.00 -11.30
#